data_5I50
#
_entry.id   5I50
#
_cell.length_a   36.538
_cell.length_b   95.545
_cell.length_c   64.944
_cell.angle_alpha   90.00
_cell.angle_beta   105.90
_cell.angle_gamma   90.00
#
_symmetry.space_group_name_H-M   'P 1 21 1'
#
loop_
_entity.id
_entity.type
_entity.pdbx_description
1 polymer 'Myc proto-oncogene protein'
2 polymer "DNA (5'-D(P*CP*AP*CP*CP*CP*GP*GP*TP*CP*AP*CP*GP*TP*GP*GP*CP*CP*TP*AP*CP*AP*C)-3')"
3 polymer "DNA (5'-D(P*GP*TP*GP*TP*AP*GP*GP*CP*CP*AP*CP*GP*TP*GP*AP*CP*CP*GP*GP*GP*TP*G)-3')"
#
loop_
_entity_poly.entity_id
_entity_poly.type
_entity_poly.pdbx_seq_one_letter_code
_entity_poly.pdbx_strand_id
1 'polypeptide(L)'
;MKHHHHHHPMSDYDIPTTENLYFQGAMATEENVKRRTHNVLERQRRNELKRSFFALRDQIPELENNEKAPKVVILKKATA
YILSVQAETQKLISEIDLLRKQNEQLKHKLEQLRNSCA
;
A,B
2 'polydeoxyribonucleotide'
;(DC)(DA)(DC)(DC)(DC)(DG)(DG)(DT)(DC)(DA)(DC)(DG)(DT)(DG)(DG)(DC)(DC)(DT)(DA)(DC)
(DA)(DC)
;
C
3 'polydeoxyribonucleotide'
;(DG)(DT)(DG)(DT)(DA)(DG)(DG)(DC)(DC)(DA)(DC)(DG)(DT)(DG)(DA)(DC)(DC)(DG)(DG)(DG)
(DT)(DG)
;
D
#
loop_
_chem_comp.id
_chem_comp.type
_chem_comp.name
_chem_comp.formula
DA DNA linking 2'-DEOXYADENOSINE-5'-MONOPHOSPHATE 'C10 H14 N5 O6 P'
DC DNA linking 2'-DEOXYCYTIDINE-5'-MONOPHOSPHATE 'C9 H14 N3 O7 P'
DG DNA linking 2'-DEOXYGUANOSINE-5'-MONOPHOSPHATE 'C10 H14 N5 O7 P'
DT DNA linking THYMIDINE-5'-MONOPHOSPHATE 'C10 H15 N2 O8 P'
#
# COMPACT_ATOMS: atom_id res chain seq x y z
N MET A 27 -11.79 -49.11 4.47
CA MET A 27 -12.02 -48.51 5.78
C MET A 27 -10.79 -47.75 6.26
N ALA A 28 -9.69 -48.47 6.46
CA ALA A 28 -8.43 -47.83 6.81
C ALA A 28 -7.95 -47.03 5.61
N THR A 29 -8.19 -47.59 4.44
CA THR A 29 -7.83 -46.96 3.17
C THR A 29 -8.59 -45.65 2.99
N GLU A 30 -9.81 -45.60 3.50
CA GLU A 30 -10.62 -44.40 3.41
C GLU A 30 -9.96 -43.23 4.14
N GLU A 31 -9.47 -43.49 5.36
CA GLU A 31 -8.81 -42.45 6.13
C GLU A 31 -7.57 -41.89 5.42
N ASN A 32 -6.79 -42.79 4.82
CA ASN A 32 -5.61 -42.38 4.06
C ASN A 32 -6.01 -41.50 2.88
N VAL A 33 -7.12 -41.85 2.24
CA VAL A 33 -7.67 -41.07 1.13
C VAL A 33 -8.18 -39.71 1.61
N LYS A 34 -8.92 -39.67 2.72
CA LYS A 34 -9.31 -38.38 3.28
C LYS A 34 -8.07 -37.58 3.69
N ARG A 35 -7.16 -38.24 4.40
CA ARG A 35 -5.94 -37.59 4.85
C ARG A 35 -5.16 -37.02 3.68
N ARG A 36 -4.89 -37.85 2.66
CA ARG A 36 -4.08 -37.39 1.54
C ARG A 36 -4.73 -36.22 0.82
N THR A 37 -6.05 -36.29 0.60
CA THR A 37 -6.75 -35.22 -0.12
C THR A 37 -6.75 -33.94 0.68
N HIS A 38 -6.71 -34.08 2.01
CA HIS A 38 -6.55 -32.92 2.87
C HIS A 38 -5.21 -32.26 2.61
N ASN A 39 -4.17 -33.09 2.51
CA ASN A 39 -2.83 -32.60 2.27
C ASN A 39 -2.75 -31.79 0.98
N VAL A 40 -3.14 -32.40 -0.13
CA VAL A 40 -3.05 -31.73 -1.42
C VAL A 40 -3.99 -30.51 -1.46
N LEU A 41 -5.04 -30.54 -0.65
CA LEU A 41 -5.92 -29.39 -0.49
C LEU A 41 -5.17 -28.24 0.15
N GLU A 42 -4.55 -28.53 1.28
CA GLU A 42 -3.82 -27.53 2.04
C GLU A 42 -2.64 -26.97 1.26
N ARG A 43 -2.03 -27.81 0.43
CA ARG A 43 -0.94 -27.35 -0.41
C ARG A 43 -1.43 -26.30 -1.39
N GLN A 44 -2.50 -26.62 -2.11
CA GLN A 44 -3.10 -25.72 -3.10
C GLN A 44 -3.48 -24.39 -2.48
N ARG A 45 -4.16 -24.46 -1.34
CA ARG A 45 -4.51 -23.26 -0.61
C ARG A 45 -3.23 -22.46 -0.30
N ARG A 46 -2.24 -23.16 0.25
CA ARG A 46 -0.95 -22.56 0.60
C ARG A 46 -0.30 -21.92 -0.61
N ASN A 47 -0.39 -22.59 -1.76
CA ASN A 47 0.24 -22.06 -2.96
C ASN A 47 -0.39 -20.75 -3.41
N GLU A 48 -1.71 -20.64 -3.24
CA GLU A 48 -2.43 -19.43 -3.58
C GLU A 48 -1.95 -18.28 -2.69
N LEU A 49 -1.73 -18.59 -1.43
CA LEU A 49 -1.28 -17.61 -0.45
C LEU A 49 0.13 -17.11 -0.79
N LYS A 50 0.94 -18.01 -1.33
CA LYS A 50 2.25 -17.66 -1.85
C LYS A 50 2.12 -16.70 -3.02
N ARG A 51 1.27 -17.05 -3.98
CA ARG A 51 1.04 -16.22 -5.17
C ARG A 51 0.64 -14.80 -4.77
N SER A 52 -0.22 -14.72 -3.76
CA SER A 52 -0.69 -13.44 -3.28
C SER A 52 0.47 -12.66 -2.66
N PHE A 53 1.37 -13.36 -1.97
CA PHE A 53 2.55 -12.72 -1.40
C PHE A 53 3.41 -12.10 -2.48
N PHE A 54 3.59 -12.81 -3.58
CA PHE A 54 4.43 -12.31 -4.66
C PHE A 54 3.76 -11.14 -5.36
N ALA A 55 2.44 -11.21 -5.47
CA ALA A 55 1.66 -10.16 -6.11
C ALA A 55 1.77 -8.85 -5.33
N LEU A 56 1.55 -8.94 -4.02
CA LEU A 56 1.63 -7.77 -3.17
C LEU A 56 3.01 -7.16 -3.28
N ARG A 57 4.02 -8.02 -3.24
CA ARG A 57 5.42 -7.64 -3.28
C ARG A 57 5.76 -6.82 -4.54
N ASP A 58 5.13 -7.16 -5.67
CA ASP A 58 5.40 -6.47 -6.94
C ASP A 58 4.81 -5.05 -6.98
N GLN A 59 3.92 -4.72 -6.06
CA GLN A 59 3.33 -3.39 -6.04
C GLN A 59 4.05 -2.48 -5.06
N ILE A 60 5.04 -3.02 -4.36
CA ILE A 60 5.84 -2.17 -3.48
C ILE A 60 7.16 -1.81 -4.17
N PRO A 61 7.34 -0.53 -4.48
CA PRO A 61 8.47 -0.02 -5.26
C PRO A 61 9.80 -0.38 -4.64
N GLU A 62 9.89 -0.26 -3.32
CA GLU A 62 11.11 -0.60 -2.60
C GLU A 62 11.50 -2.05 -2.83
N LEU A 63 10.50 -2.92 -2.95
CA LEU A 63 10.73 -4.36 -3.05
C LEU A 63 11.01 -4.82 -4.47
N GLU A 64 11.28 -3.85 -5.34
CA GLU A 64 11.75 -4.12 -6.70
C GLU A 64 10.78 -4.97 -7.53
N ASN A 65 11.22 -5.26 -8.75
CA ASN A 65 10.46 -6.04 -9.70
C ASN A 65 10.65 -7.55 -9.49
N ASN A 66 11.55 -7.92 -8.58
CA ASN A 66 11.75 -9.33 -8.23
C ASN A 66 12.06 -9.45 -6.74
N GLU A 67 13.35 -9.54 -6.41
CA GLU A 67 13.80 -9.66 -5.02
C GLU A 67 13.35 -10.94 -4.30
N LYS A 68 14.26 -11.50 -3.50
CA LYS A 68 14.00 -12.63 -2.63
C LYS A 68 13.71 -12.10 -1.23
N ALA A 69 12.49 -11.61 -1.03
CA ALA A 69 12.15 -10.93 0.21
C ALA A 69 11.28 -11.76 1.12
N PRO A 70 11.70 -11.91 2.38
CA PRO A 70 10.92 -12.68 3.36
C PRO A 70 9.53 -12.11 3.52
N LYS A 71 8.58 -12.99 3.81
CA LYS A 71 7.19 -12.62 3.87
C LYS A 71 6.95 -11.51 4.87
N VAL A 72 7.55 -11.61 6.06
CA VAL A 72 7.30 -10.62 7.09
C VAL A 72 7.75 -9.25 6.61
N VAL A 73 8.79 -9.23 5.79
CA VAL A 73 9.26 -7.96 5.28
C VAL A 73 8.24 -7.37 4.34
N ILE A 74 7.72 -8.20 3.44
CA ILE A 74 6.71 -7.77 2.49
C ILE A 74 5.53 -7.10 3.20
N LEU A 75 5.08 -7.69 4.29
CA LEU A 75 4.01 -7.11 5.09
C LEU A 75 4.39 -5.74 5.66
N LYS A 76 5.51 -5.68 6.37
CA LYS A 76 5.89 -4.49 7.10
C LYS A 76 6.15 -3.34 6.15
N LYS A 77 6.75 -3.65 5.01
CA LYS A 77 7.02 -2.61 4.01
C LYS A 77 5.71 -2.16 3.35
N ALA A 78 4.80 -3.10 3.09
CA ALA A 78 3.49 -2.76 2.55
C ALA A 78 2.73 -1.85 3.51
N THR A 79 2.70 -2.26 4.78
CA THR A 79 2.07 -1.47 5.81
C THR A 79 2.67 -0.04 5.83
N ALA A 80 3.99 0.06 5.82
CA ALA A 80 4.67 1.35 5.83
C ALA A 80 4.39 2.17 4.59
N TYR A 81 4.45 1.51 3.44
CA TYR A 81 4.29 2.18 2.17
C TYR A 81 2.93 2.82 2.06
N ILE A 82 1.90 2.06 2.45
CA ILE A 82 0.53 2.55 2.45
C ILE A 82 0.44 3.86 3.23
N LEU A 83 1.08 3.88 4.40
CA LEU A 83 1.14 5.10 5.21
C LEU A 83 1.84 6.23 4.47
N SER A 84 2.96 5.90 3.82
CA SER A 84 3.74 6.92 3.14
C SER A 84 2.94 7.54 2.00
N VAL A 85 2.19 6.71 1.28
CA VAL A 85 1.38 7.19 0.17
C VAL A 85 0.20 8.00 0.68
N GLN A 86 -0.33 7.61 1.84
CA GLN A 86 -1.37 8.40 2.49
C GLN A 86 -0.90 9.83 2.75
N ALA A 87 0.25 9.95 3.39
CA ALA A 87 0.83 11.25 3.70
C ALA A 87 1.02 12.08 2.43
N GLU A 88 1.58 11.47 1.39
CA GLU A 88 1.72 12.16 0.11
C GLU A 88 0.37 12.65 -0.40
N THR A 89 -0.64 11.79 -0.31
CA THR A 89 -1.98 12.13 -0.80
C THR A 89 -2.59 13.34 -0.09
N GLN A 90 -2.52 13.37 1.23
CA GLN A 90 -3.01 14.53 1.98
C GLN A 90 -2.31 15.82 1.58
N LYS A 91 -1.00 15.74 1.39
CA LYS A 91 -0.18 16.89 1.02
C LYS A 91 -0.53 17.38 -0.37
N LEU A 92 -0.65 16.45 -1.32
CA LEU A 92 -1.08 16.81 -2.67
C LEU A 92 -2.41 17.55 -2.64
N ILE A 93 -3.34 17.04 -1.85
CA ILE A 93 -4.64 17.66 -1.72
C ILE A 93 -4.49 19.09 -1.22
N SER A 94 -3.69 19.27 -0.17
CA SER A 94 -3.42 20.62 0.36
CA SER A 94 -3.41 20.61 0.36
C SER A 94 -2.96 21.54 -0.76
N GLU A 95 -2.01 21.05 -1.57
CA GLU A 95 -1.47 21.81 -2.68
C GLU A 95 -2.56 22.18 -3.67
N ILE A 96 -3.41 21.21 -3.98
CA ILE A 96 -4.50 21.41 -4.91
C ILE A 96 -5.42 22.51 -4.41
N ASP A 97 -5.84 22.41 -3.17
CA ASP A 97 -6.71 23.40 -2.57
C ASP A 97 -6.02 24.77 -2.55
N LEU A 98 -4.70 24.75 -2.34
CA LEU A 98 -3.92 25.97 -2.30
C LEU A 98 -3.91 26.65 -3.66
N LEU A 99 -3.64 25.87 -4.71
CA LEU A 99 -3.64 26.42 -6.05
C LEU A 99 -5.01 26.97 -6.41
N ARG A 100 -6.06 26.29 -5.98
CA ARG A 100 -7.43 26.73 -6.26
C ARG A 100 -7.74 28.05 -5.56
N LYS A 101 -7.18 28.23 -4.36
CA LYS A 101 -7.30 29.50 -3.67
C LYS A 101 -6.62 30.59 -4.48
N GLN A 102 -5.39 30.33 -4.91
CA GLN A 102 -4.62 31.28 -5.70
C GLN A 102 -5.29 31.59 -7.05
N ASN A 103 -5.78 30.56 -7.73
CA ASN A 103 -6.45 30.75 -9.02
C ASN A 103 -7.65 31.68 -8.90
N GLU A 104 -8.55 31.34 -7.98
CA GLU A 104 -9.78 32.10 -7.77
C GLU A 104 -9.44 33.52 -7.32
N GLN A 105 -8.31 33.65 -6.64
CA GLN A 105 -7.80 34.96 -6.23
C GLN A 105 -7.37 35.76 -7.45
N LEU A 106 -6.68 35.10 -8.38
CA LEU A 106 -6.26 35.71 -9.63
C LEU A 106 -7.45 36.03 -10.51
N LYS A 107 -8.42 35.12 -10.58
CA LYS A 107 -9.65 35.38 -11.32
C LYS A 107 -10.34 36.60 -10.76
N HIS A 108 -10.29 36.76 -9.44
CA HIS A 108 -10.92 37.89 -8.80
C HIS A 108 -10.14 39.17 -9.06
N LYS A 109 -8.80 39.06 -9.11
CA LYS A 109 -7.97 40.21 -9.44
C LYS A 109 -8.18 40.66 -10.89
N LEU A 110 -8.21 39.69 -11.80
CA LEU A 110 -8.36 39.98 -13.23
C LEU A 110 -9.77 40.49 -13.51
N GLU A 111 -10.71 40.12 -12.66
CA GLU A 111 -12.08 40.59 -12.74
C GLU A 111 -12.09 42.09 -12.45
N GLN A 112 -11.28 42.51 -11.46
CA GLN A 112 -11.19 43.90 -11.06
C GLN A 112 -10.22 44.71 -11.91
N LEU A 113 -9.69 44.11 -12.96
CA LEU A 113 -8.91 44.87 -13.92
C LEU A 113 -9.75 45.22 -15.16
N ARG A 114 -10.97 44.69 -15.21
CA ARG A 114 -11.90 45.06 -16.28
C ARG A 114 -12.80 46.19 -15.85
N ASN A 115 -13.23 46.15 -14.60
CA ASN A 115 -14.12 47.16 -14.04
C ASN A 115 -13.39 48.48 -13.82
N SER A 116 -12.07 48.41 -13.72
CA SER A 116 -11.23 49.58 -13.49
C SER A 116 -10.25 49.80 -14.63
N CYS A 117 -10.77 49.95 -15.84
CA CYS A 117 -9.91 50.22 -16.98
C CYS A 117 -10.72 50.92 -18.08
N ALA A 118 -11.34 52.05 -17.71
CA ALA A 118 -12.20 52.78 -18.62
C ALA A 118 -11.39 53.62 -19.62
N PHE B 23 28.45 -43.03 23.12
CA PHE B 23 27.58 -42.56 22.05
C PHE B 23 26.12 -42.88 22.37
N GLN B 24 25.56 -43.83 21.63
CA GLN B 24 24.19 -44.31 21.80
C GLN B 24 23.13 -43.20 21.58
N GLY B 25 22.17 -43.13 22.49
CA GLY B 25 21.07 -42.19 22.39
C GLY B 25 21.42 -40.73 22.58
N ALA B 26 22.69 -40.42 22.84
CA ALA B 26 23.11 -39.03 22.97
C ALA B 26 22.99 -38.31 21.64
N MET B 27 23.03 -39.09 20.56
CA MET B 27 22.69 -38.60 19.23
C MET B 27 21.28 -38.06 19.23
N ALA B 28 20.33 -38.91 19.63
CA ALA B 28 18.93 -38.53 19.72
C ALA B 28 18.69 -37.41 20.73
N THR B 29 19.44 -37.43 21.83
CA THR B 29 19.30 -36.38 22.85
C THR B 29 19.67 -35.03 22.26
N GLU B 30 20.66 -35.02 21.37
CA GLU B 30 21.05 -33.78 20.71
C GLU B 30 19.96 -33.31 19.75
N GLU B 31 19.40 -34.25 18.99
CA GLU B 31 18.36 -33.94 18.00
C GLU B 31 17.12 -33.30 18.62
N ASN B 32 16.71 -33.80 19.77
CA ASN B 32 15.58 -33.25 20.50
C ASN B 32 15.81 -31.80 20.91
N VAL B 33 17.06 -31.49 21.27
CA VAL B 33 17.44 -30.14 21.66
C VAL B 33 17.30 -29.17 20.49
N LYS B 34 17.89 -29.53 19.36
CA LYS B 34 17.76 -28.74 18.13
C LYS B 34 16.30 -28.66 17.78
N ARG B 35 15.61 -29.78 17.96
CA ARG B 35 14.19 -29.86 17.70
C ARG B 35 13.45 -28.79 18.51
N ARG B 36 13.62 -28.79 19.84
CA ARG B 36 12.90 -27.81 20.65
C ARG B 36 13.26 -26.38 20.33
N THR B 37 14.56 -26.10 20.18
CA THR B 37 14.99 -24.73 19.96
C THR B 37 14.49 -24.24 18.62
N HIS B 38 14.41 -25.14 17.65
CA HIS B 38 13.88 -24.77 16.36
C HIS B 38 12.41 -24.41 16.49
N ASN B 39 11.69 -25.22 17.26
CA ASN B 39 10.28 -25.00 17.51
C ASN B 39 10.01 -23.62 18.11
N VAL B 40 10.66 -23.33 19.23
CA VAL B 40 10.40 -22.08 19.95
C VAL B 40 10.77 -20.86 19.10
N LEU B 41 11.73 -21.04 18.21
CA LEU B 41 12.08 -20.00 17.25
C LEU B 41 10.90 -19.73 16.33
N GLU B 42 10.36 -20.81 15.79
CA GLU B 42 9.24 -20.71 14.87
C GLU B 42 8.01 -20.06 15.51
N ARG B 43 7.81 -20.27 16.80
CA ARG B 43 6.71 -19.58 17.47
C ARG B 43 6.93 -18.07 17.42
N GLN B 44 8.11 -17.63 17.84
CA GLN B 44 8.44 -16.20 17.82
C GLN B 44 8.24 -15.61 16.43
N ARG B 45 8.85 -16.26 15.44
CA ARG B 45 8.76 -15.80 14.08
C ARG B 45 7.29 -15.76 13.63
N ARG B 46 6.55 -16.85 13.86
CA ARG B 46 5.13 -16.89 13.49
C ARG B 46 4.30 -15.83 14.21
N ASN B 47 4.61 -15.62 15.49
CA ASN B 47 3.90 -14.64 16.29
C ASN B 47 4.14 -13.24 15.74
N GLU B 48 5.37 -12.98 15.30
CA GLU B 48 5.72 -11.73 14.66
C GLU B 48 5.00 -11.60 13.32
N LEU B 49 4.94 -12.71 12.60
CA LEU B 49 4.30 -12.74 11.29
C LEU B 49 2.80 -12.50 11.43
N LYS B 50 2.25 -12.97 12.53
CA LYS B 50 0.87 -12.68 12.87
C LYS B 50 0.74 -11.16 13.08
N ARG B 51 1.61 -10.60 13.92
CA ARG B 51 1.59 -9.16 14.23
C ARG B 51 1.64 -8.29 12.98
N SER B 52 2.47 -8.66 12.03
CA SER B 52 2.58 -7.90 10.78
C SER B 52 1.29 -7.94 9.98
N PHE B 53 0.64 -9.11 9.97
CA PHE B 53 -0.63 -9.27 9.25
C PHE B 53 -1.72 -8.35 9.81
N PHE B 54 -1.80 -8.23 11.13
CA PHE B 54 -2.84 -7.40 11.73
C PHE B 54 -2.56 -5.94 11.47
N ALA B 55 -1.30 -5.57 11.48
CA ALA B 55 -0.90 -4.20 11.23
C ALA B 55 -1.30 -3.80 9.82
N LEU B 56 -0.98 -4.66 8.85
CA LEU B 56 -1.32 -4.37 7.46
C LEU B 56 -2.82 -4.23 7.32
N ARG B 57 -3.53 -5.17 7.92
CA ARG B 57 -4.98 -5.24 7.80
C ARG B 57 -5.63 -3.93 8.28
N ASP B 58 -5.11 -3.37 9.36
CA ASP B 58 -5.69 -2.16 9.92
C ASP B 58 -5.46 -0.94 9.05
N GLN B 59 -4.58 -1.05 8.05
CA GLN B 59 -4.31 0.08 7.18
C GLN B 59 -5.15 0.01 5.91
N ILE B 60 -5.92 -1.06 5.78
CA ILE B 60 -6.83 -1.21 4.65
C ILE B 60 -8.27 -0.90 5.07
N PRO B 61 -8.83 0.21 4.53
CA PRO B 61 -10.11 0.74 4.97
C PRO B 61 -11.21 -0.30 4.90
N GLU B 62 -11.25 -1.04 3.79
CA GLU B 62 -12.24 -2.10 3.65
C GLU B 62 -12.11 -3.12 4.78
N LEU B 63 -10.88 -3.48 5.13
CA LEU B 63 -10.65 -4.56 6.09
C LEU B 63 -10.48 -4.07 7.53
N GLU B 64 -10.73 -2.79 7.78
CA GLU B 64 -10.57 -2.29 9.14
C GLU B 64 -11.69 -2.86 10.01
N ASN B 65 -11.62 -2.58 11.31
CA ASN B 65 -12.55 -3.11 12.32
C ASN B 65 -13.17 -4.47 11.95
N ASN B 66 -12.31 -5.39 11.52
CA ASN B 66 -12.69 -6.76 11.18
C ASN B 66 -11.56 -7.69 11.59
N GLU B 67 -11.51 -8.00 12.89
CA GLU B 67 -10.43 -8.79 13.45
C GLU B 67 -10.38 -10.21 12.88
N LYS B 68 -11.51 -10.72 12.40
CA LYS B 68 -11.53 -12.06 11.81
C LYS B 68 -11.43 -11.99 10.28
N ALA B 69 -10.25 -11.63 9.78
CA ALA B 69 -10.00 -11.54 8.34
C ALA B 69 -8.95 -12.56 7.91
N PRO B 70 -9.26 -13.39 6.92
CA PRO B 70 -8.31 -14.39 6.44
C PRO B 70 -7.05 -13.74 5.85
N LYS B 71 -5.92 -14.43 5.98
CA LYS B 71 -4.66 -13.89 5.49
C LYS B 71 -4.66 -13.64 3.99
N VAL B 72 -5.17 -14.57 3.21
CA VAL B 72 -5.15 -14.45 1.76
C VAL B 72 -5.93 -13.23 1.28
N VAL B 73 -6.98 -12.87 2.03
CA VAL B 73 -7.77 -11.69 1.68
C VAL B 73 -6.95 -10.43 1.95
N ILE B 74 -6.34 -10.39 3.13
CA ILE B 74 -5.53 -9.25 3.53
C ILE B 74 -4.50 -8.95 2.44
N LEU B 75 -3.92 -10.00 1.87
CA LEU B 75 -2.99 -9.83 0.75
C LEU B 75 -3.67 -9.24 -0.49
N LYS B 76 -4.74 -9.89 -0.93
CA LYS B 76 -5.37 -9.54 -2.19
C LYS B 76 -5.93 -8.13 -2.15
N LYS B 77 -6.53 -7.78 -1.03
CA LYS B 77 -7.11 -6.45 -0.89
C LYS B 77 -6.01 -5.39 -0.77
N ALA B 78 -4.93 -5.71 -0.08
CA ALA B 78 -3.82 -4.76 0.05
C ALA B 78 -3.30 -4.41 -1.33
N THR B 79 -2.98 -5.45 -2.10
CA THR B 79 -2.56 -5.29 -3.49
C THR B 79 -3.59 -4.45 -4.24
N ALA B 80 -4.86 -4.75 -4.04
CA ALA B 80 -5.92 -3.99 -4.70
C ALA B 80 -5.94 -2.54 -4.23
N TYR B 81 -5.88 -2.34 -2.91
CA TYR B 81 -5.96 -1.00 -2.33
C TYR B 81 -4.78 -0.12 -2.77
N ILE B 82 -3.59 -0.70 -2.74
CA ILE B 82 -2.39 0.00 -3.20
C ILE B 82 -2.54 0.51 -4.62
N LEU B 83 -3.05 -0.34 -5.50
CA LEU B 83 -3.27 0.03 -6.88
C LEU B 83 -4.26 1.19 -7.02
N SER B 84 -5.36 1.15 -6.26
CA SER B 84 -6.35 2.21 -6.39
C SER B 84 -5.76 3.52 -5.91
N VAL B 85 -5.03 3.46 -4.80
CA VAL B 85 -4.43 4.67 -4.24
C VAL B 85 -3.27 5.18 -5.10
N GLN B 86 -2.57 4.27 -5.77
CA GLN B 86 -1.60 4.68 -6.78
C GLN B 86 -2.31 5.48 -7.87
N ALA B 87 -3.39 4.91 -8.38
CA ALA B 87 -4.19 5.56 -9.43
C ALA B 87 -4.70 6.92 -8.99
N GLU B 88 -5.28 6.97 -7.79
CA GLU B 88 -5.78 8.21 -7.23
C GLU B 88 -4.68 9.25 -7.18
N THR B 89 -3.50 8.79 -6.77
CA THR B 89 -2.34 9.66 -6.65
C THR B 89 -1.99 10.29 -7.99
N GLN B 90 -1.94 9.46 -9.03
CA GLN B 90 -1.64 9.93 -10.37
C GLN B 90 -2.62 11.00 -10.83
N LYS B 91 -3.90 10.85 -10.48
CA LYS B 91 -4.90 11.83 -10.87
C LYS B 91 -4.62 13.16 -10.18
N LEU B 92 -4.42 13.10 -8.87
CA LEU B 92 -4.17 14.29 -8.08
C LEU B 92 -3.03 15.10 -8.67
N ILE B 93 -1.95 14.40 -9.02
CA ILE B 93 -0.79 15.03 -9.65
C ILE B 93 -1.18 15.71 -10.95
N SER B 94 -1.91 14.99 -11.80
CA SER B 94 -2.34 15.55 -13.08
C SER B 94 -3.17 16.81 -12.88
N GLU B 95 -4.03 16.82 -11.86
CA GLU B 95 -4.81 18.01 -11.51
C GLU B 95 -3.93 19.19 -11.13
N ILE B 96 -2.91 18.92 -10.31
CA ILE B 96 -1.98 19.94 -9.89
C ILE B 96 -1.34 20.58 -11.10
N ASP B 97 -0.88 19.75 -12.02
CA ASP B 97 -0.27 20.25 -13.24
C ASP B 97 -1.25 21.08 -14.05
N LEU B 98 -2.52 20.68 -14.04
CA LEU B 98 -3.54 21.43 -14.73
C LEU B 98 -3.76 22.81 -14.10
N LEU B 99 -3.95 22.83 -12.78
CA LEU B 99 -4.16 24.05 -12.04
C LEU B 99 -2.95 24.99 -12.13
N ARG B 100 -1.76 24.41 -12.01
CA ARG B 100 -0.54 25.17 -12.07
C ARG B 100 -0.32 25.75 -13.48
N LYS B 101 -0.79 25.02 -14.49
CA LYS B 101 -0.78 25.52 -15.86
C LYS B 101 -1.68 26.75 -16.01
N GLN B 102 -2.91 26.61 -15.54
CA GLN B 102 -3.87 27.70 -15.60
C GLN B 102 -3.38 28.89 -14.79
N ASN B 103 -2.84 28.59 -13.61
CA ASN B 103 -2.33 29.60 -12.70
C ASN B 103 -1.31 30.51 -13.37
N GLU B 104 -0.26 29.91 -13.92
CA GLU B 104 0.79 30.69 -14.57
C GLU B 104 0.26 31.44 -15.82
N GLN B 105 -0.75 30.87 -16.47
CA GLN B 105 -1.36 31.54 -17.61
C GLN B 105 -2.09 32.80 -17.18
N LEU B 106 -2.80 32.71 -16.06
CA LEU B 106 -3.53 33.87 -15.54
C LEU B 106 -2.56 34.98 -15.14
N LYS B 107 -1.45 34.60 -14.51
CA LYS B 107 -0.42 35.55 -14.12
C LYS B 107 0.18 36.29 -15.32
N HIS B 108 0.33 35.57 -16.44
CA HIS B 108 0.96 36.14 -17.62
C HIS B 108 0.01 37.10 -18.36
N LYS B 109 -1.27 36.76 -18.41
CA LYS B 109 -2.26 37.66 -19.01
C LYS B 109 -2.37 38.91 -18.16
N LEU B 110 -2.33 38.72 -16.85
CA LEU B 110 -2.45 39.82 -15.92
C LEU B 110 -1.22 40.72 -15.93
N GLU B 111 -0.05 40.15 -16.26
CA GLU B 111 1.18 40.95 -16.30
C GLU B 111 1.23 41.97 -17.45
N GLN B 112 0.91 41.54 -18.67
CA GLN B 112 0.96 42.43 -19.82
C GLN B 112 -0.35 43.19 -20.04
N LEU B 113 -1.28 43.04 -19.11
CA LEU B 113 -2.47 43.87 -19.09
C LEU B 113 -2.24 44.98 -18.06
N ARG B 114 -1.09 44.90 -17.40
CA ARG B 114 -0.62 45.94 -16.48
C ARG B 114 0.29 46.94 -17.19
N ASN B 115 1.12 46.43 -18.12
CA ASN B 115 1.98 47.30 -18.92
C ASN B 115 1.18 48.06 -19.98
N SER B 116 0.00 47.54 -20.29
CA SER B 116 -0.88 48.16 -21.29
C SER B 116 -2.19 48.62 -20.65
N CYS B 117 -2.06 49.40 -19.58
CA CYS B 117 -3.21 50.00 -18.89
C CYS B 117 -2.73 51.19 -18.06
N ALA B 118 -2.01 52.10 -18.72
CA ALA B 118 -1.44 53.26 -18.04
C ALA B 118 -2.47 54.36 -17.81
#